data_5DIO
#
_entry.id   5DIO
#
_cell.length_a   49.880
_cell.length_b   115.741
_cell.length_c   58.350
_cell.angle_alpha   90.00
_cell.angle_beta   115.05
_cell.angle_gamma   90.00
#
_symmetry.space_group_name_H-M   'C 1 2 1'
#
_entity_poly.entity_id   1
_entity_poly.type   'polypeptide(L)'
_entity_poly.pdbx_seq_one_letter_code
;SNAMTEINKIIHKKTFDIAWGDMAALGHVNNARYFDYFQEARIDWLRELDIKMTGQTGPVVIHVACTFLKPIVYPATVTI
HSKVNSLGNSSMIMDHDLYQEETLMAQGVSKIVWIDYTQNKSVPLPDIIRNLV
;
_entity_poly.pdbx_strand_id   A,B
#
# COMPACT_ATOMS: atom_id res chain seq x y z
N GLU A 6 -10.25 -28.75 -0.15
CA GLU A 6 -10.49 -28.48 -1.58
C GLU A 6 -10.66 -26.94 -1.69
N ILE A 7 -11.85 -26.46 -2.08
CA ILE A 7 -11.98 -25.11 -2.65
C ILE A 7 -12.08 -24.05 -1.58
N ASN A 8 -13.15 -24.13 -0.78
CA ASN A 8 -13.56 -22.97 0.04
C ASN A 8 -12.71 -22.77 1.29
N LYS A 9 -11.51 -23.36 1.27
CA LYS A 9 -10.56 -23.21 2.32
C LYS A 9 -9.80 -21.93 2.11
N ILE A 10 -9.29 -21.40 3.21
CA ILE A 10 -8.46 -20.23 3.13
C ILE A 10 -7.16 -20.75 2.55
N ILE A 11 -6.85 -20.27 1.36
CA ILE A 11 -5.63 -20.67 0.65
C ILE A 11 -4.61 -19.53 0.64
N HIS A 12 -4.94 -18.39 1.29
CA HIS A 12 -4.09 -17.18 1.32
C HIS A 12 -4.45 -16.25 2.47
N LYS A 13 -3.41 -15.72 3.10
CA LYS A 13 -3.56 -14.82 4.22
C LYS A 13 -2.53 -13.69 4.00
N LYS A 14 -2.97 -12.42 3.93
CA LYS A 14 -2.03 -11.29 3.88
C LYS A 14 -2.20 -10.22 4.99
N THR A 15 -1.15 -10.04 5.80
CA THR A 15 -1.09 -9.02 6.85
C THR A 15 -0.51 -7.69 6.32
N PHE A 16 -1.03 -6.54 6.80
CA PHE A 16 -0.41 -5.23 6.47
C PHE A 16 -0.96 -4.10 7.33
N ASP A 17 -0.43 -2.90 7.13
CA ASP A 17 -0.84 -1.72 7.88
C ASP A 17 -1.46 -0.64 6.97
N ILE A 18 -2.39 0.10 7.58
CA ILE A 18 -3.15 1.15 6.89
C ILE A 18 -2.27 2.41 6.82
N ALA A 19 -2.13 2.95 5.60
CA ALA A 19 -1.46 4.20 5.35
C ALA A 19 -2.33 5.38 5.87
N TRP A 20 -1.70 6.37 6.45
CA TRP A 20 -2.46 7.50 6.96
C TRP A 20 -3.20 8.18 5.82
N GLY A 21 -2.67 8.12 4.61
CA GLY A 21 -3.32 8.70 3.45
C GLY A 21 -4.55 7.95 2.97
N ASP A 22 -4.70 6.70 3.40
CA ASP A 22 -5.86 5.86 3.01
C ASP A 22 -7.17 6.36 3.54
N MET A 23 -7.07 7.21 4.56
CA MET A 23 -8.26 7.72 5.21
C MET A 23 -8.90 8.85 4.42
N ALA A 24 -10.24 8.83 4.41
CA ALA A 24 -11.03 9.84 3.76
C ALA A 24 -11.42 10.84 4.83
N ALA A 25 -11.92 12.01 4.39
CA ALA A 25 -12.18 13.18 5.24
C ALA A 25 -12.83 12.87 6.60
N LEU A 26 -13.92 12.12 6.57
CA LEU A 26 -14.57 11.70 7.81
C LEU A 26 -13.87 10.56 8.58
N GLY A 27 -12.55 10.52 8.56
CA GLY A 27 -11.82 9.78 9.58
C GLY A 27 -11.86 8.25 9.57
N HIS A 28 -12.34 7.63 8.50
CA HIS A 28 -12.03 6.21 8.26
C HIS A 28 -11.55 5.94 6.82
N VAL A 29 -10.98 4.75 6.62
CA VAL A 29 -10.38 4.38 5.34
C VAL A 29 -11.42 4.58 4.26
N ASN A 30 -11.02 5.21 3.15
CA ASN A 30 -11.85 5.38 1.96
C ASN A 30 -12.32 4.00 1.53
N ASN A 31 -13.49 3.90 0.94
CA ASN A 31 -13.87 2.60 0.53
C ASN A 31 -13.38 2.16 -0.82
N ALA A 32 -12.85 3.05 -1.63
CA ALA A 32 -12.18 2.56 -2.85
C ALA A 32 -10.91 1.80 -2.53
N ARG A 33 -10.24 2.17 -1.43
CA ARG A 33 -8.93 1.61 -1.07
C ARG A 33 -9.03 0.19 -0.69
N TYR A 34 -10.20 -0.22 -0.20
CA TYR A 34 -10.40 -1.63 0.15
C TYR A 34 -10.14 -2.51 -1.05
N PHE A 35 -10.67 -2.09 -2.18
CA PHE A 35 -10.40 -2.77 -3.45
C PHE A 35 -8.91 -2.80 -3.84
N ASP A 36 -8.18 -1.73 -3.52
CA ASP A 36 -6.71 -1.78 -3.57
C ASP A 36 -6.15 -2.87 -2.68
N TYR A 37 -6.68 -3.04 -1.48
CA TYR A 37 -6.19 -4.17 -0.66
C TYR A 37 -6.55 -5.55 -1.22
N PHE A 38 -7.79 -5.75 -1.67
CA PHE A 38 -8.16 -7.05 -2.27
C PHE A 38 -7.39 -7.32 -3.55
N GLN A 39 -7.25 -6.29 -4.37
CA GLN A 39 -6.41 -6.39 -5.51
C GLN A 39 -4.98 -6.88 -5.16
N GLU A 40 -4.37 -6.41 -4.07
CA GLU A 40 -2.99 -6.83 -3.71
C GLU A 40 -2.92 -8.25 -3.19
N ALA A 41 -4.00 -8.67 -2.53
CA ALA A 41 -4.05 -10.01 -1.93
C ALA A 41 -4.19 -11.03 -3.04
N ARG A 42 -5.01 -10.68 -4.00
CA ARG A 42 -5.25 -11.50 -5.17
C ARG A 42 -4.01 -11.64 -6.07
N ILE A 43 -3.29 -10.54 -6.33
CA ILE A 43 -2.03 -10.55 -7.15
C ILE A 43 -0.91 -11.36 -6.45
N ASP A 44 -0.75 -11.16 -5.15
CA ASP A 44 0.20 -11.93 -4.37
C ASP A 44 -0.12 -13.40 -4.44
N TRP A 45 -1.39 -13.78 -4.33
CA TRP A 45 -1.78 -15.19 -4.36
C TRP A 45 -1.45 -15.85 -5.69
N LEU A 46 -1.78 -15.18 -6.79
CA LEU A 46 -1.42 -15.67 -8.13
C LEU A 46 0.10 -15.74 -8.37
N ARG A 47 0.89 -14.97 -7.63
CA ARG A 47 2.33 -15.05 -7.75
C ARG A 47 2.78 -16.33 -7.12
N GLU A 48 2.16 -16.72 -6.00
CA GLU A 48 2.47 -18.03 -5.39
C GLU A 48 2.29 -19.12 -6.44
N LEU A 49 1.15 -19.10 -7.05
CA LEU A 49 0.78 -20.13 -7.96
C LEU A 49 1.59 -20.01 -9.20
N ASP A 50 2.38 -18.96 -9.34
CA ASP A 50 3.21 -18.76 -10.51
C ASP A 50 2.37 -18.19 -11.65
N ILE A 51 1.29 -17.53 -11.30
CA ILE A 51 0.49 -16.90 -12.32
C ILE A 51 0.78 -15.42 -12.31
N LYS A 52 0.82 -14.85 -13.51
CA LYS A 52 1.03 -13.43 -13.66
C LYS A 52 0.49 -12.93 -14.98
N GLN A 56 0.50 -13.54 -22.06
CA GLN A 56 -0.46 -13.20 -23.13
C GLN A 56 -1.92 -13.61 -22.85
N THR A 57 -2.14 -14.71 -22.14
CA THR A 57 -3.47 -15.07 -21.62
C THR A 57 -3.44 -15.05 -20.10
N GLY A 58 -4.53 -14.64 -19.48
CA GLY A 58 -4.53 -14.50 -18.02
C GLY A 58 -5.78 -13.87 -17.47
N PRO A 59 -5.78 -13.60 -16.16
CA PRO A 59 -6.98 -13.17 -15.43
C PRO A 59 -7.36 -11.74 -15.70
N VAL A 60 -8.66 -11.46 -15.85
CA VAL A 60 -9.21 -10.12 -15.64
C VAL A 60 -10.45 -10.14 -14.76
N VAL A 61 -10.60 -9.07 -13.96
CA VAL A 61 -11.73 -8.88 -13.05
C VAL A 61 -12.98 -8.39 -13.75
N ILE A 62 -14.08 -9.14 -13.66
CA ILE A 62 -15.30 -8.76 -14.33
C ILE A 62 -16.21 -8.13 -13.31
N HIS A 63 -15.99 -8.41 -12.03
CA HIS A 63 -16.90 -7.91 -10.99
C HIS A 63 -16.17 -7.87 -9.70
N VAL A 64 -16.55 -6.93 -8.86
CA VAL A 64 -15.91 -6.87 -7.57
C VAL A 64 -16.87 -6.13 -6.67
N ALA A 65 -16.95 -6.59 -5.42
CA ALA A 65 -17.90 -6.06 -4.44
C ALA A 65 -17.33 -6.12 -3.06
N CYS A 66 -17.90 -5.33 -2.16
CA CYS A 66 -17.48 -5.33 -0.77
C CYS A 66 -18.59 -4.81 0.12
N THR A 67 -18.74 -5.54 1.21
CA THR A 67 -19.66 -5.19 2.28
C THR A 67 -18.84 -4.63 3.44
N PHE A 68 -19.23 -3.47 3.94
CA PHE A 68 -18.46 -2.77 4.98
C PHE A 68 -19.13 -2.95 6.32
N LEU A 69 -18.63 -3.87 7.14
CA LEU A 69 -19.26 -4.16 8.44
C LEU A 69 -18.83 -3.22 9.55
N LYS A 70 -17.54 -2.88 9.61
CA LYS A 70 -17.01 -1.91 10.57
C LYS A 70 -15.97 -0.99 9.90
N PRO A 71 -15.93 0.30 10.27
CA PRO A 71 -14.97 1.21 9.63
C PRO A 71 -13.56 1.03 10.16
N ILE A 72 -12.57 1.28 9.33
CA ILE A 72 -11.18 1.14 9.77
C ILE A 72 -10.58 2.54 9.93
N VAL A 73 -9.68 2.64 10.90
CA VAL A 73 -9.16 3.92 11.40
C VAL A 73 -7.63 3.81 11.51
N TYR A 74 -6.89 4.90 11.17
CA TYR A 74 -5.41 4.92 11.34
C TYR A 74 -5.04 5.24 12.81
N PRO A 75 -4.10 4.48 13.41
CA PRO A 75 -3.30 3.34 12.85
C PRO A 75 -4.01 2.00 12.99
N ALA A 76 -3.69 1.07 12.08
CA ALA A 76 -4.36 -0.25 12.07
C ALA A 76 -3.63 -1.29 11.24
N THR A 77 -3.52 -2.49 11.80
CA THR A 77 -2.97 -3.68 11.15
C THR A 77 -4.12 -4.61 10.86
N VAL A 78 -4.34 -4.84 9.58
CA VAL A 78 -5.40 -5.71 9.13
C VAL A 78 -4.89 -6.98 8.44
N THR A 79 -5.73 -8.02 8.41
CA THR A 79 -5.45 -9.30 7.74
C THR A 79 -6.58 -9.70 6.78
N ILE A 80 -6.18 -10.05 5.56
CA ILE A 80 -7.10 -10.54 4.54
C ILE A 80 -6.93 -12.06 4.33
N HIS A 81 -8.01 -12.81 4.60
CA HIS A 81 -8.04 -14.24 4.42
C HIS A 81 -8.86 -14.45 3.16
N SER A 82 -8.22 -15.05 2.15
CA SER A 82 -8.85 -15.28 0.85
C SER A 82 -9.18 -16.74 0.65
N LYS A 83 -10.33 -17.00 0.04
CA LYS A 83 -10.74 -18.33 -0.31
C LYS A 83 -11.35 -18.29 -1.70
N VAL A 84 -11.45 -19.43 -2.36
CA VAL A 84 -11.99 -19.47 -3.70
C VAL A 84 -13.15 -20.42 -3.85
N ASN A 85 -14.00 -20.16 -4.83
CA ASN A 85 -15.15 -21.00 -5.16
C ASN A 85 -15.69 -20.73 -6.52
N SER A 86 -16.73 -21.45 -6.86
CA SER A 86 -17.38 -21.24 -8.11
C SER A 86 -16.48 -21.25 -9.33
N LEU A 87 -15.62 -22.24 -9.44
CA LEU A 87 -14.80 -22.33 -10.61
C LEU A 87 -15.70 -22.73 -11.74
N GLY A 88 -15.54 -22.14 -12.89
CA GLY A 88 -16.35 -22.47 -14.03
C GLY A 88 -15.34 -22.84 -15.05
N ASN A 89 -15.66 -22.68 -16.33
CA ASN A 89 -14.65 -22.97 -17.32
C ASN A 89 -13.51 -21.94 -17.44
N SER A 90 -13.85 -20.65 -17.53
CA SER A 90 -12.91 -19.54 -17.53
C SER A 90 -12.99 -18.75 -16.22
N SER A 91 -14.07 -18.94 -15.48
CA SER A 91 -14.39 -18.02 -14.41
C SER A 91 -14.00 -18.58 -13.08
N MET A 92 -13.74 -17.73 -12.10
CA MET A 92 -13.62 -18.18 -10.73
C MET A 92 -13.99 -17.06 -9.77
N ILE A 93 -14.47 -17.40 -8.59
CA ILE A 93 -14.82 -16.36 -7.62
C ILE A 93 -13.87 -16.48 -6.45
N MET A 94 -13.62 -15.37 -5.79
CA MET A 94 -12.64 -15.34 -4.75
C MET A 94 -13.18 -14.41 -3.68
N ASP A 95 -13.50 -14.96 -2.52
CA ASP A 95 -13.98 -14.16 -1.38
C ASP A 95 -12.84 -13.68 -0.52
N HIS A 96 -12.90 -12.44 -0.05
CA HIS A 96 -11.91 -11.91 0.89
C HIS A 96 -12.55 -11.46 2.22
N ASP A 97 -12.08 -11.98 3.35
CA ASP A 97 -12.57 -11.48 4.63
C ASP A 97 -11.45 -10.64 5.27
N LEU A 98 -11.76 -9.40 5.59
CA LEU A 98 -10.74 -8.48 6.08
C LEU A 98 -10.88 -8.31 7.60
N TYR A 99 -9.87 -8.73 8.33
CA TYR A 99 -9.93 -8.70 9.78
C TYR A 99 -9.02 -7.68 10.37
N GLN A 100 -9.49 -7.01 11.40
CA GLN A 100 -8.61 -6.31 12.29
C GLN A 100 -8.61 -7.03 13.59
N GLU A 101 -7.47 -7.57 13.98
CA GLU A 101 -7.43 -8.35 15.18
C GLU A 101 -8.38 -9.54 14.98
N GLU A 102 -9.33 -9.73 15.87
CA GLU A 102 -10.30 -10.80 15.73
C GLU A 102 -11.63 -10.37 15.12
N THR A 103 -11.71 -9.14 14.64
CA THR A 103 -12.95 -8.61 14.16
C THR A 103 -12.99 -8.47 12.67
N LEU A 104 -14.11 -8.83 12.12
CA LEU A 104 -14.30 -8.86 10.68
C LEU A 104 -14.88 -7.53 10.28
N MET A 105 -14.06 -6.74 9.57
CA MET A 105 -14.34 -5.35 9.21
C MET A 105 -15.05 -5.21 7.88
N ALA A 106 -14.94 -6.22 7.03
CA ALA A 106 -15.53 -6.17 5.67
C ALA A 106 -15.34 -7.49 4.99
N GLN A 107 -16.30 -7.88 4.16
CA GLN A 107 -16.23 -9.07 3.31
C GLN A 107 -16.17 -8.66 1.85
N GLY A 108 -15.13 -9.05 1.16
CA GLY A 108 -15.02 -8.72 -0.27
C GLY A 108 -15.35 -9.88 -1.17
N VAL A 109 -15.63 -9.60 -2.43
CA VAL A 109 -15.86 -10.65 -3.43
C VAL A 109 -15.27 -10.18 -4.74
N SER A 110 -14.55 -11.04 -5.44
CA SER A 110 -14.15 -10.66 -6.78
C SER A 110 -14.20 -11.82 -7.76
N LYS A 111 -14.95 -11.62 -8.85
CA LYS A 111 -15.02 -12.58 -9.93
C LYS A 111 -13.94 -12.27 -10.93
N ILE A 112 -13.15 -13.29 -11.25
CA ILE A 112 -12.06 -13.24 -12.19
C ILE A 112 -12.39 -14.16 -13.36
N VAL A 113 -12.09 -13.72 -14.59
CA VAL A 113 -12.24 -14.54 -15.79
C VAL A 113 -10.85 -14.60 -16.44
N TRP A 114 -10.55 -15.75 -17.08
CA TRP A 114 -9.34 -15.93 -17.89
C TRP A 114 -9.60 -15.63 -19.34
N ILE A 115 -8.80 -14.73 -19.91
CA ILE A 115 -8.93 -14.37 -21.31
C ILE A 115 -7.61 -14.43 -22.06
N ASP A 116 -7.70 -14.33 -23.39
CA ASP A 116 -6.55 -13.90 -24.19
C ASP A 116 -6.57 -12.39 -24.26
N TYR A 117 -5.52 -11.76 -23.71
CA TYR A 117 -5.46 -10.32 -23.54
C TYR A 117 -5.56 -9.59 -24.88
N THR A 118 -4.71 -9.97 -25.84
CA THR A 118 -4.68 -9.30 -27.15
C THR A 118 -5.95 -9.50 -27.99
N GLN A 119 -6.64 -10.63 -27.71
CA GLN A 119 -7.80 -11.08 -28.48
C GLN A 119 -9.15 -11.10 -27.76
N ASN A 120 -9.13 -10.80 -26.47
CA ASN A 120 -10.33 -10.59 -25.68
C ASN A 120 -11.33 -11.72 -25.81
N LYS A 121 -10.81 -12.93 -25.90
CA LYS A 121 -11.64 -14.08 -26.08
C LYS A 121 -11.43 -14.97 -24.93
N SER A 122 -12.54 -15.47 -24.41
CA SER A 122 -12.59 -16.29 -23.24
C SER A 122 -11.85 -17.55 -23.48
N VAL A 123 -11.19 -17.94 -22.44
CA VAL A 123 -10.24 -19.04 -22.52
C VAL A 123 -10.28 -19.89 -21.24
N PRO A 124 -10.20 -21.23 -21.37
CA PRO A 124 -10.34 -22.14 -20.24
C PRO A 124 -9.30 -21.98 -19.13
N LEU A 125 -9.77 -22.12 -17.89
CA LEU A 125 -9.05 -21.77 -16.65
C LEU A 125 -7.76 -22.58 -16.51
N PRO A 126 -6.74 -22.01 -15.86
CA PRO A 126 -5.50 -22.76 -15.74
C PRO A 126 -5.69 -24.02 -14.94
N ASP A 127 -4.89 -25.03 -15.20
CA ASP A 127 -4.95 -26.30 -14.54
C ASP A 127 -4.60 -26.23 -13.07
N ILE A 128 -3.62 -25.43 -12.74
CA ILE A 128 -3.20 -25.31 -11.35
C ILE A 128 -4.28 -24.75 -10.39
N ILE A 129 -5.27 -24.10 -10.96
CA ILE A 129 -6.36 -23.62 -10.17
C ILE A 129 -7.43 -24.72 -10.14
N ARG A 130 -7.58 -25.47 -11.21
CA ARG A 130 -8.56 -26.50 -11.30
C ARG A 130 -8.32 -27.57 -10.26
N ASN A 131 -7.06 -27.83 -9.92
CA ASN A 131 -6.62 -28.85 -8.94
C ASN A 131 -6.95 -28.57 -7.50
N LEU A 132 -7.51 -27.40 -7.24
CA LEU A 132 -7.97 -27.07 -5.90
C LEU A 132 -9.37 -27.69 -5.56
N VAL A 133 -10.06 -28.29 -6.52
CA VAL A 133 -11.17 -29.18 -6.16
C VAL A 133 -10.68 -30.33 -5.28
N ILE B 11 18.46 6.91 10.45
CA ILE B 11 17.96 7.24 11.78
C ILE B 11 16.53 6.72 11.95
N HIS B 12 15.72 6.79 10.91
CA HIS B 12 14.44 6.11 10.90
C HIS B 12 14.36 5.36 9.60
N LYS B 13 13.95 4.11 9.65
CA LYS B 13 14.00 3.24 8.51
C LYS B 13 12.62 2.63 8.36
N LYS B 14 12.15 2.50 7.14
CA LYS B 14 10.86 1.89 6.93
C LYS B 14 10.92 1.02 5.69
N THR B 15 10.90 -0.29 5.86
CA THR B 15 10.83 -1.22 4.71
C THR B 15 9.35 -1.41 4.35
N PHE B 16 9.07 -1.64 3.06
CA PHE B 16 7.74 -1.93 2.63
C PHE B 16 7.76 -2.29 1.15
N ASP B 17 6.61 -2.80 0.67
CA ASP B 17 6.45 -3.28 -0.70
C ASP B 17 5.57 -2.39 -1.55
N ILE B 18 6.01 -2.26 -2.79
CA ILE B 18 5.32 -1.50 -3.80
C ILE B 18 4.05 -2.27 -4.16
N ALA B 19 2.97 -1.51 -4.31
CA ALA B 19 1.68 -2.03 -4.68
C ALA B 19 1.59 -2.06 -6.21
N TRP B 20 0.94 -3.08 -6.74
CA TRP B 20 0.79 -3.21 -8.17
C TRP B 20 0.09 -1.96 -8.78
N GLY B 21 -0.79 -1.35 -8.01
CA GLY B 21 -1.61 -0.22 -8.47
C GLY B 21 -0.96 1.13 -8.25
N ASP B 22 0.23 1.13 -7.63
CA ASP B 22 1.14 2.33 -7.54
C ASP B 22 1.93 2.57 -8.81
N MET B 23 1.70 1.73 -9.79
CA MET B 23 2.33 1.83 -11.06
C MET B 23 1.46 2.55 -12.00
N ALA B 24 2.06 3.40 -12.81
CA ALA B 24 1.41 4.21 -13.77
C ALA B 24 1.63 3.45 -15.07
N ALA B 25 0.81 3.78 -16.08
CA ALA B 25 0.71 3.03 -17.36
C ALA B 25 2.04 2.68 -18.04
N LEU B 26 2.97 3.60 -18.10
CA LEU B 26 4.31 3.27 -18.67
C LEU B 26 5.17 2.34 -17.76
N GLY B 27 4.57 1.69 -16.77
CA GLY B 27 5.16 0.51 -16.12
C GLY B 27 6.00 0.72 -14.86
N HIS B 28 6.08 1.91 -14.29
CA HIS B 28 6.80 2.04 -13.04
C HIS B 28 6.16 3.02 -12.09
N VAL B 29 6.55 3.01 -10.84
CA VAL B 29 5.82 3.74 -9.80
C VAL B 29 5.56 5.19 -10.29
N ASN B 30 4.31 5.63 -10.24
CA ASN B 30 3.97 7.05 -10.42
C ASN B 30 4.89 7.94 -9.53
N ASN B 31 5.38 9.03 -10.03
CA ASN B 31 6.20 9.85 -9.18
C ASN B 31 5.44 10.34 -7.96
N ALA B 32 4.16 10.67 -8.08
CA ALA B 32 3.34 11.20 -6.98
C ALA B 32 3.24 10.27 -5.78
N ARG B 33 3.28 8.96 -6.01
CA ARG B 33 3.31 7.98 -4.93
C ARG B 33 4.59 8.06 -4.10
N TYR B 34 5.66 8.60 -4.67
CA TYR B 34 6.87 8.78 -3.89
C TYR B 34 6.54 9.74 -2.76
N PHE B 35 5.66 10.71 -2.99
CA PHE B 35 5.31 11.63 -1.91
C PHE B 35 4.32 11.08 -0.88
N ASP B 36 3.46 10.14 -1.30
CA ASP B 36 2.70 9.29 -0.36
C ASP B 36 3.67 8.53 0.49
N TYR B 37 4.70 7.93 -0.12
CA TYR B 37 5.71 7.17 0.69
C TYR B 37 6.41 8.04 1.72
N PHE B 38 6.93 9.23 1.34
CA PHE B 38 7.69 10.09 2.27
C PHE B 38 6.87 10.64 3.40
N GLN B 39 5.62 10.95 3.08
CA GLN B 39 4.66 11.39 4.07
C GLN B 39 4.31 10.33 5.09
N GLU B 40 4.08 9.10 4.64
CA GLU B 40 3.82 8.02 5.62
C GLU B 40 5.03 7.88 6.54
N ALA B 41 6.22 7.99 5.96
CA ALA B 41 7.45 7.78 6.68
C ALA B 41 7.59 8.86 7.73
N ARG B 42 7.26 10.09 7.35
CA ARG B 42 7.23 11.19 8.28
C ARG B 42 6.23 11.00 9.42
N ILE B 43 5.01 10.55 9.11
CA ILE B 43 3.93 10.35 10.11
C ILE B 43 4.30 9.24 11.09
N ASP B 44 4.76 8.12 10.54
CA ASP B 44 5.30 7.01 11.33
C ASP B 44 6.26 7.55 12.36
N TRP B 45 7.30 8.21 11.92
CA TRP B 45 8.36 8.61 12.79
C TRP B 45 7.88 9.55 13.85
N LEU B 46 7.07 10.50 13.47
CA LEU B 46 6.52 11.48 14.42
C LEU B 46 5.62 10.81 15.44
N ARG B 47 4.83 9.82 15.00
CA ARG B 47 4.04 8.99 15.91
C ARG B 47 4.86 8.21 16.92
N GLU B 48 6.03 7.70 16.52
CA GLU B 48 6.94 7.07 17.47
C GLU B 48 7.38 8.09 18.51
N LEU B 49 7.58 9.31 18.05
CA LEU B 49 8.10 10.38 18.87
C LEU B 49 7.00 11.00 19.63
N ASP B 50 5.77 10.56 19.41
CA ASP B 50 4.66 11.11 20.14
C ASP B 50 4.46 12.58 19.93
N ILE B 51 4.55 12.98 18.67
CA ILE B 51 4.10 14.25 18.18
C ILE B 51 2.89 13.84 17.38
N THR B 57 -0.58 22.51 18.92
CA THR B 57 0.68 23.09 18.45
C THR B 57 1.32 21.98 17.65
N GLY B 58 1.71 22.27 16.42
CA GLY B 58 2.08 21.21 15.51
C GLY B 58 2.97 21.59 14.38
N PRO B 59 3.48 20.50 13.66
CA PRO B 59 4.15 20.89 12.42
C PRO B 59 3.19 21.11 11.26
N VAL B 60 3.62 21.81 10.23
CA VAL B 60 3.08 21.77 8.87
C VAL B 60 4.19 21.78 7.86
N VAL B 61 4.01 20.94 6.85
CA VAL B 61 4.89 20.90 5.73
C VAL B 61 4.66 22.20 5.03
N ILE B 62 5.73 22.97 4.84
CA ILE B 62 5.73 24.15 3.95
C ILE B 62 6.34 23.85 2.53
N HIS B 63 7.15 22.80 2.39
CA HIS B 63 7.89 22.51 1.16
C HIS B 63 8.20 21.02 1.07
N VAL B 64 8.18 20.48 -0.14
CA VAL B 64 8.52 19.11 -0.31
C VAL B 64 9.05 18.98 -1.72
N ALA B 65 10.07 18.15 -1.88
CA ALA B 65 10.73 17.96 -3.14
C ALA B 65 11.25 16.55 -3.25
N CYS B 66 11.38 16.05 -4.48
CA CYS B 66 12.01 14.75 -4.70
C CYS B 66 12.95 14.85 -5.90
N THR B 67 14.01 14.06 -5.85
CA THR B 67 14.92 13.92 -6.96
C THR B 67 14.79 12.46 -7.36
N PHE B 68 14.49 12.19 -8.65
CA PHE B 68 14.23 10.84 -9.14
C PHE B 68 15.44 10.26 -9.83
N LEU B 69 16.19 9.41 -9.13
CA LEU B 69 17.44 8.87 -9.66
C LEU B 69 17.21 7.65 -10.55
N LYS B 70 16.45 6.68 -10.05
CA LYS B 70 16.18 5.43 -10.77
C LYS B 70 14.70 5.05 -10.62
N PRO B 71 14.00 4.79 -11.74
CA PRO B 71 12.61 4.39 -11.66
C PRO B 71 12.45 2.98 -11.10
N ILE B 72 11.31 2.74 -10.46
CA ILE B 72 11.09 1.54 -9.67
C ILE B 72 10.02 0.72 -10.36
N VAL B 73 10.13 -0.61 -10.27
CA VAL B 73 9.19 -1.49 -10.95
C VAL B 73 8.67 -2.56 -10.03
N TYR B 74 7.44 -2.97 -10.24
CA TYR B 74 6.84 -4.10 -9.56
C TYR B 74 7.39 -5.44 -10.01
N PRO B 75 7.61 -6.48 -9.10
CA PRO B 75 7.54 -6.12 -7.69
C PRO B 75 8.81 -5.52 -7.12
N ALA B 76 8.74 -4.89 -5.96
CA ALA B 76 9.91 -4.30 -5.35
C ALA B 76 9.81 -4.22 -3.86
N THR B 77 10.91 -4.40 -3.16
CA THR B 77 10.96 -4.06 -1.77
C THR B 77 11.92 -2.91 -1.60
N VAL B 78 11.45 -1.86 -0.96
CA VAL B 78 12.23 -0.63 -0.77
C VAL B 78 12.23 -0.14 0.65
N THR B 79 13.16 0.74 0.96
CA THR B 79 13.36 1.18 2.32
C THR B 79 13.70 2.67 2.33
N ILE B 80 12.97 3.41 3.17
CA ILE B 80 13.16 4.82 3.31
C ILE B 80 13.92 5.12 4.57
N HIS B 81 15.15 5.61 4.38
CA HIS B 81 16.00 6.06 5.46
C HIS B 81 15.70 7.53 5.62
N SER B 82 15.14 7.88 6.77
CA SER B 82 14.72 9.24 7.09
C SER B 82 15.68 9.77 8.11
N LYS B 83 15.97 11.04 8.04
CA LYS B 83 16.90 11.67 8.94
C LYS B 83 16.55 13.14 8.97
N VAL B 84 16.88 13.84 10.04
CA VAL B 84 16.69 15.28 10.03
C VAL B 84 18.03 15.86 9.60
N ASN B 85 18.07 17.04 8.96
CA ASN B 85 19.37 17.65 8.76
C ASN B 85 19.59 19.09 9.15
N SER B 86 18.57 19.88 9.42
CA SER B 86 18.82 21.17 10.05
C SER B 86 17.62 21.63 10.80
N LEU B 87 17.91 22.17 11.95
CA LEU B 87 16.93 22.72 12.78
C LEU B 87 17.44 24.10 12.82
N GLY B 88 16.54 25.01 12.57
CA GLY B 88 16.80 26.41 12.65
C GLY B 88 15.66 26.43 13.61
N ASN B 89 15.72 27.17 14.69
CA ASN B 89 14.62 27.13 15.64
C ASN B 89 13.29 27.46 14.95
N SER B 90 12.27 26.65 15.21
CA SER B 90 10.93 26.79 14.62
C SER B 90 10.70 26.20 13.20
N SER B 91 11.71 25.58 12.63
CA SER B 91 11.85 25.05 11.30
C SER B 91 12.62 23.82 11.31
N MET B 92 12.28 22.85 10.50
CA MET B 92 13.33 21.85 10.29
C MET B 92 13.37 21.33 8.83
N ILE B 93 14.51 20.76 8.42
CA ILE B 93 14.63 20.09 7.13
C ILE B 93 14.83 18.61 7.36
N MET B 94 14.10 17.78 6.61
CA MET B 94 14.11 16.36 6.86
C MET B 94 14.39 15.68 5.55
N ASP B 95 15.32 14.74 5.54
CA ASP B 95 15.63 13.98 4.34
C ASP B 95 15.03 12.62 4.35
N HIS B 96 14.57 12.17 3.18
CA HIS B 96 14.19 10.78 3.01
C HIS B 96 14.97 10.17 1.86
N ASP B 97 15.64 9.06 2.07
CA ASP B 97 16.33 8.42 0.99
C ASP B 97 15.69 7.06 0.73
N LEU B 98 15.39 6.78 -0.52
CA LEU B 98 14.59 5.64 -0.86
C LEU B 98 15.51 4.69 -1.60
N TYR B 99 15.79 3.54 -0.97
CA TYR B 99 16.65 2.49 -1.50
C TYR B 99 15.90 1.26 -2.00
N GLN B 100 16.20 0.82 -3.22
CA GLN B 100 15.80 -0.52 -3.65
C GLN B 100 17.04 -1.39 -3.57
N GLU B 101 16.97 -2.43 -2.74
CA GLU B 101 18.16 -3.18 -2.29
C GLU B 101 19.24 -2.19 -1.78
N GLU B 102 20.50 -2.29 -2.23
CA GLU B 102 21.51 -1.28 -1.85
C GLU B 102 21.54 -0.06 -2.82
N THR B 103 20.63 -0.04 -3.79
CA THR B 103 20.59 0.99 -4.80
C THR B 103 19.69 2.16 -4.33
N LEU B 104 20.17 3.39 -4.53
CA LEU B 104 19.39 4.61 -4.23
C LEU B 104 18.52 5.07 -5.41
N MET B 105 17.20 4.99 -5.24
CA MET B 105 16.22 5.25 -6.31
C MET B 105 15.66 6.71 -6.33
N ALA B 106 15.63 7.39 -5.16
CA ALA B 106 15.24 8.82 -5.06
C ALA B 106 15.57 9.45 -3.68
N GLN B 107 15.70 10.77 -3.68
CA GLN B 107 16.00 11.59 -2.49
C GLN B 107 14.80 12.48 -2.22
N GLY B 108 14.26 12.44 -1.03
CA GLY B 108 13.12 13.31 -0.66
C GLY B 108 13.63 14.42 0.23
N VAL B 109 12.97 15.56 0.26
CA VAL B 109 13.36 16.56 1.24
C VAL B 109 12.16 17.40 1.63
N SER B 110 11.85 17.43 2.92
CA SER B 110 10.71 18.20 3.41
C SER B 110 11.15 19.29 4.38
N LYS B 111 10.58 20.48 4.23
CA LYS B 111 10.68 21.50 5.23
C LYS B 111 9.40 21.57 6.07
N ILE B 112 9.56 21.41 7.38
CA ILE B 112 8.46 21.33 8.31
C ILE B 112 8.59 22.53 9.27
N VAL B 113 7.48 23.21 9.52
CA VAL B 113 7.45 24.34 10.44
C VAL B 113 6.40 24.04 11.52
N TRP B 114 6.60 24.67 12.67
CA TRP B 114 5.81 24.52 13.91
C TRP B 114 4.89 25.71 14.27
N ILE B 115 3.60 25.43 14.52
CA ILE B 115 2.49 26.41 14.63
C ILE B 115 1.14 25.85 15.27
N ASN B 120 -1.93 31.15 14.12
CA ASN B 120 -0.97 30.83 13.08
C ASN B 120 0.32 31.61 13.16
N LYS B 121 1.12 31.35 14.21
CA LYS B 121 2.51 31.82 14.25
C LYS B 121 3.60 30.96 14.91
N SER B 122 4.84 31.30 14.59
CA SER B 122 5.96 30.41 14.74
C SER B 122 6.31 30.11 16.16
N VAL B 123 6.26 28.84 16.51
CA VAL B 123 6.55 28.37 17.85
C VAL B 123 7.92 27.70 17.86
N PRO B 124 8.73 27.93 18.98
CA PRO B 124 10.00 27.21 18.94
C PRO B 124 9.81 25.73 18.91
N LEU B 125 10.67 25.17 18.12
CA LEU B 125 10.75 23.75 17.88
C LEU B 125 10.59 22.92 19.11
N PRO B 126 9.73 21.93 19.03
CA PRO B 126 9.66 20.99 20.14
C PRO B 126 11.00 20.56 20.57
N ASP B 127 11.04 20.02 21.75
CA ASP B 127 12.29 19.65 22.36
C ASP B 127 12.54 18.17 22.28
N ILE B 128 11.61 17.41 21.73
CA ILE B 128 11.88 15.99 21.50
C ILE B 128 12.55 15.79 20.13
N ILE B 129 12.49 16.81 19.26
CA ILE B 129 13.25 16.81 18.00
C ILE B 129 14.55 17.61 18.13
N ARG B 130 14.57 18.69 18.87
CA ARG B 130 15.82 19.35 19.00
C ARG B 130 16.69 18.21 19.33
N ASN B 131 16.18 17.33 20.15
CA ASN B 131 16.99 16.19 20.57
C ASN B 131 17.25 15.05 19.60
N LEU B 132 16.64 15.05 18.43
CA LEU B 132 16.98 14.02 17.45
C LEU B 132 18.40 14.34 16.94
N VAL B 133 18.87 15.54 17.25
CA VAL B 133 20.15 16.03 16.86
C VAL B 133 20.32 15.80 15.38
#